data_9PLK
#
_entry.id   9PLK
#
_cell.length_a   75.770
_cell.length_b   101.122
_cell.length_c   123.880
_cell.angle_alpha   90.00
_cell.angle_beta   90.00
_cell.angle_gamma   90.00
#
_symmetry.space_group_name_H-M   'I 2 2 2'
#
loop_
_entity.id
_entity.type
_entity.pdbx_description
1 polymer 'Cytochrome P450 3A4'
2 non-polymer 'PROTOPORPHYRIN IX CONTAINING FE'
3 non-polymer GLYCEROL
4 non-polymer darifenacin
5 water water
#
_entity_poly.entity_id   1
_entity_poly.type   'polypeptide(L)'
_entity_poly.pdbx_seq_one_letter_code
;MAYLYGTHSHGLFKKLGIPGPTPLPFLGNILSYHKGFCMFDMECHKKYGKVWGFYDGQQPVLAITDPDMIKTVLVKECYS
VFTNRRPFGPVGFMKSAISIAEDEEWKRLRSLLSPTFTSGKLKEMVPIIAQYGDVLVRNLRREAETGKPVTLKDVFGAYS
MDVITSTSFGVNIDSLNNPQDPFVENTKKLLRFDFLDPFFLSITVFPFLIPILEVLNICVFPREVTNFLRKSVKRMKESR
LEDTQKHRVDFLQLMIDSQNSKETESHKALSDLELVAQSIIFIFAGYETTSSVLSFIMYELATHPDVQQKLQEEIDAVLP
NKAPPTYDTVLQMEYLDMVVNETLRLFPIAMRLERVCKKDVEINGMFIPKGVVVMIPSYALHRDPKYWTEPEKFLPERFS
KKNKDNIDPYIYTPFGSGPRNCIGMRFALMNMKLALIRVLQNFSFKPCKETQIPLKLSLGGLLQPEKPVVLKVESRDGTV
SGAHHHH
;
_entity_poly.pdbx_strand_id   A
#
loop_
_chem_comp.id
_chem_comp.type
_chem_comp.name
_chem_comp.formula
A1CIW non-polymer darifenacin 'C28 H30 N2 O2'
GOL non-polymer GLYCEROL 'C3 H8 O3'
HEM non-polymer 'PROTOPORPHYRIN IX CONTAINING FE' 'C34 H32 Fe N4 O4'
#
# COMPACT_ATOMS: atom_id res chain seq x y z
N GLY A 6 -5.36 -21.24 -27.53
CA GLY A 6 -5.16 -20.58 -26.24
C GLY A 6 -6.37 -19.81 -25.77
N THR A 7 -7.56 -20.35 -26.04
CA THR A 7 -8.82 -19.73 -25.63
C THR A 7 -9.56 -20.56 -24.59
N HIS A 8 -8.86 -21.44 -23.87
CA HIS A 8 -9.47 -22.14 -22.75
C HIS A 8 -9.85 -21.12 -21.68
N SER A 9 -11.06 -21.25 -21.15
CA SER A 9 -11.67 -20.33 -20.19
C SER A 9 -12.08 -19.02 -20.86
N HIS A 10 -11.56 -18.74 -22.06
CA HIS A 10 -11.91 -17.50 -22.75
C HIS A 10 -13.37 -17.45 -23.18
N GLY A 11 -14.12 -18.54 -23.02
CA GLY A 11 -15.56 -18.54 -23.19
C GLY A 11 -16.33 -18.55 -21.89
N LEU A 12 -15.69 -18.26 -20.77
CA LEU A 12 -16.37 -18.35 -19.48
C LEU A 12 -17.40 -17.24 -19.30
N PHE A 13 -16.97 -15.98 -19.49
CA PHE A 13 -17.88 -14.87 -19.26
C PHE A 13 -18.96 -14.80 -20.33
N LYS A 14 -18.63 -15.19 -21.57
CA LYS A 14 -19.66 -15.28 -22.60
C LYS A 14 -20.73 -16.31 -22.21
N LYS A 15 -20.31 -17.40 -21.56
CA LYS A 15 -21.26 -18.41 -21.12
C LYS A 15 -22.11 -17.90 -19.96
N LEU A 16 -21.46 -17.29 -18.96
CA LEU A 16 -22.19 -16.74 -17.82
C LEU A 16 -23.05 -15.54 -18.19
N GLY A 17 -22.92 -15.01 -19.39
CA GLY A 17 -23.63 -13.80 -19.73
C GLY A 17 -23.06 -12.56 -19.09
N ILE A 18 -21.81 -12.60 -18.67
CA ILE A 18 -21.16 -11.45 -18.04
C ILE A 18 -20.42 -10.67 -19.12
N PRO A 19 -20.63 -9.36 -19.22
CA PRO A 19 -20.00 -8.58 -20.29
C PRO A 19 -18.53 -8.36 -20.01
N GLY A 20 -17.84 -7.83 -21.02
CA GLY A 20 -16.43 -7.55 -20.92
C GLY A 20 -15.74 -7.51 -22.27
N PRO A 21 -14.51 -7.01 -22.30
CA PRO A 21 -13.80 -6.88 -23.57
C PRO A 21 -13.42 -8.24 -24.13
N THR A 22 -13.61 -8.40 -25.43
CA THR A 22 -13.31 -9.65 -26.11
C THR A 22 -11.82 -9.96 -26.03
N PRO A 23 -11.41 -11.08 -25.45
CA PRO A 23 -9.99 -11.37 -25.29
C PRO A 23 -9.36 -11.90 -26.58
N LEU A 24 -8.06 -11.73 -26.66
CA LEU A 24 -7.30 -12.38 -27.72
C LEU A 24 -6.74 -13.71 -27.22
N PRO A 25 -6.55 -14.68 -28.12
CA PRO A 25 -5.98 -15.96 -27.70
C PRO A 25 -4.65 -15.78 -26.99
N PHE A 26 -4.46 -16.54 -25.91
CA PHE A 26 -3.26 -16.55 -25.07
C PHE A 26 -3.09 -15.26 -24.28
N LEU A 27 -3.16 -14.11 -24.95
CA LEU A 27 -2.91 -12.85 -24.25
C LEU A 27 -4.07 -12.42 -23.38
N GLY A 28 -5.30 -12.80 -23.72
CA GLY A 28 -6.44 -12.27 -22.99
C GLY A 28 -6.63 -10.81 -23.32
N ASN A 29 -6.81 -9.99 -22.29
CA ASN A 29 -7.04 -8.56 -22.47
C ASN A 29 -5.84 -7.72 -22.05
N ILE A 30 -4.65 -8.31 -21.95
CA ILE A 30 -3.50 -7.61 -21.40
C ILE A 30 -3.04 -6.47 -22.30
N LEU A 31 -3.36 -6.52 -23.60
CA LEU A 31 -2.99 -5.41 -24.48
C LEU A 31 -3.68 -4.11 -24.05
N SER A 32 -4.87 -4.20 -23.47
CA SER A 32 -5.57 -3.03 -22.99
C SER A 32 -4.88 -2.39 -21.78
N TYR A 33 -3.94 -3.09 -21.15
CA TYR A 33 -3.16 -2.53 -20.04
C TYR A 33 -2.12 -1.50 -20.50
N HIS A 34 -2.04 -1.20 -21.79
CA HIS A 34 -0.99 -0.29 -22.26
C HIS A 34 -1.19 1.12 -21.72
N LYS A 35 -2.42 1.49 -21.36
CA LYS A 35 -2.68 2.77 -20.72
C LYS A 35 -2.83 2.64 -19.22
N GLY A 36 -2.52 1.48 -18.66
CA GLY A 36 -2.46 1.30 -17.22
C GLY A 36 -3.68 0.58 -16.67
N PHE A 37 -3.52 0.06 -15.46
CA PHE A 37 -4.63 -0.59 -14.75
C PHE A 37 -5.79 0.38 -14.55
N CYS A 38 -5.48 1.62 -14.18
CA CYS A 38 -6.51 2.55 -13.72
C CYS A 38 -7.40 2.99 -14.87
N MET A 39 -6.80 3.41 -15.98
CA MET A 39 -7.60 3.81 -17.13
C MET A 39 -8.41 2.63 -17.67
N PHE A 40 -7.87 1.43 -17.60
CA PHE A 40 -8.58 0.25 -18.07
C PHE A 40 -9.78 -0.06 -17.18
N ASP A 41 -9.65 0.16 -15.87
CA ASP A 41 -10.75 -0.11 -14.96
C ASP A 41 -11.86 0.94 -15.10
N MET A 42 -11.49 2.22 -15.22
CA MET A 42 -12.49 3.26 -15.39
CA MET A 42 -12.51 3.24 -15.38
C MET A 42 -13.26 3.08 -16.69
N GLU A 43 -12.59 2.63 -17.75
CA GLU A 43 -13.25 2.46 -19.03
C GLU A 43 -14.23 1.30 -18.99
N CYS A 44 -13.79 0.15 -18.45
CA CYS A 44 -14.69 -0.99 -18.32
C CYS A 44 -15.88 -0.66 -17.43
N HIS A 45 -15.63 0.05 -16.33
CA HIS A 45 -16.73 0.50 -15.47
C HIS A 45 -17.70 1.37 -16.25
N LYS A 46 -17.17 2.29 -17.06
CA LYS A 46 -18.04 3.14 -17.87
C LYS A 46 -18.74 2.34 -18.95
N LYS A 47 -18.04 1.40 -19.58
CA LYS A 47 -18.60 0.69 -20.73
C LYS A 47 -19.64 -0.34 -20.30
N TYR A 48 -19.29 -1.18 -19.32
CA TYR A 48 -20.08 -2.37 -19.03
C TYR A 48 -20.94 -2.26 -17.77
N GLY A 49 -20.78 -1.22 -16.98
CA GLY A 49 -21.66 -1.00 -15.84
C GLY A 49 -21.12 -1.59 -14.56
N LYS A 50 -21.96 -2.36 -13.87
CA LYS A 50 -21.69 -2.74 -12.48
C LYS A 50 -20.73 -3.93 -12.37
N VAL A 51 -20.78 -4.87 -13.31
CA VAL A 51 -19.92 -6.05 -13.28
C VAL A 51 -19.43 -6.33 -14.68
N TRP A 52 -18.21 -6.86 -14.77
CA TRP A 52 -17.64 -7.23 -16.06
C TRP A 52 -16.47 -8.17 -15.83
N GLY A 53 -16.09 -8.86 -16.89
CA GLY A 53 -15.02 -9.84 -16.82
C GLY A 53 -14.01 -9.66 -17.93
N PHE A 54 -12.76 -9.92 -17.60
CA PHE A 54 -11.68 -9.88 -18.57
C PHE A 54 -10.69 -10.98 -18.19
N TYR A 55 -9.61 -11.08 -18.96
CA TYR A 55 -8.67 -12.19 -18.82
C TYR A 55 -7.24 -11.67 -18.76
N ASP A 56 -6.57 -11.95 -17.65
CA ASP A 56 -5.11 -11.80 -17.59
C ASP A 56 -4.52 -13.07 -18.20
N GLY A 57 -4.22 -13.02 -19.49
CA GLY A 57 -3.85 -14.22 -20.22
C GLY A 57 -5.03 -15.15 -20.32
N GLN A 58 -4.93 -16.32 -19.68
CA GLN A 58 -6.04 -17.27 -19.61
C GLN A 58 -6.74 -17.23 -18.26
N GLN A 59 -6.39 -16.27 -17.39
CA GLN A 59 -6.96 -16.19 -16.06
C GLN A 59 -8.19 -15.28 -16.08
N PRO A 60 -9.39 -15.80 -15.89
CA PRO A 60 -10.58 -14.94 -15.84
C PRO A 60 -10.55 -14.05 -14.60
N VAL A 61 -10.86 -12.77 -14.80
CA VAL A 61 -10.95 -11.81 -13.71
C VAL A 61 -12.34 -11.18 -13.77
N LEU A 62 -13.09 -11.32 -12.68
CA LEU A 62 -14.44 -10.79 -12.58
C LEU A 62 -14.42 -9.53 -11.72
N ALA A 63 -14.76 -8.40 -12.33
CA ALA A 63 -14.80 -7.14 -11.61
C ALA A 63 -16.19 -6.89 -11.05
N ILE A 64 -16.25 -6.45 -9.79
CA ILE A 64 -17.51 -6.14 -9.12
C ILE A 64 -17.40 -4.74 -8.53
N THR A 65 -18.53 -4.02 -8.54
CA THR A 65 -18.57 -2.66 -8.01
C THR A 65 -19.74 -2.43 -7.06
N ASP A 66 -20.64 -3.37 -6.90
CA ASP A 66 -21.75 -3.22 -5.96
C ASP A 66 -21.21 -3.31 -4.54
N PRO A 67 -21.43 -2.31 -3.69
CA PRO A 67 -20.89 -2.37 -2.32
C PRO A 67 -21.45 -3.53 -1.49
N ASP A 68 -22.72 -3.89 -1.69
CA ASP A 68 -23.25 -5.09 -1.03
C ASP A 68 -22.47 -6.32 -1.45
N MET A 69 -22.18 -6.44 -2.75
CA MET A 69 -21.45 -7.60 -3.24
C MET A 69 -19.99 -7.54 -2.82
N ILE A 70 -19.40 -6.34 -2.77
CA ILE A 70 -18.03 -6.20 -2.29
C ILE A 70 -17.92 -6.64 -0.83
N LYS A 71 -18.92 -6.25 -0.02
CA LYS A 71 -18.94 -6.67 1.38
C LYS A 71 -19.01 -8.18 1.50
N THR A 72 -19.82 -8.83 0.67
CA THR A 72 -19.93 -10.29 0.70
C THR A 72 -18.59 -10.94 0.40
N VAL A 73 -17.84 -10.40 -0.55
CA VAL A 73 -16.57 -11.00 -0.95
C VAL A 73 -15.49 -10.71 0.08
N LEU A 74 -15.42 -9.46 0.56
CA LEU A 74 -14.32 -9.05 1.42
C LEU A 74 -14.52 -9.44 2.87
N VAL A 75 -15.76 -9.48 3.35
CA VAL A 75 -16.05 -9.69 4.76
C VAL A 75 -16.77 -11.02 5.00
N LYS A 76 -17.99 -11.17 4.46
CA LYS A 76 -18.87 -12.25 4.89
C LYS A 76 -18.36 -13.61 4.42
N GLU A 77 -17.88 -13.70 3.17
CA GLU A 77 -17.40 -14.96 2.61
C GLU A 77 -15.88 -15.00 2.50
N CYS A 78 -15.18 -14.26 3.37
CA CYS A 78 -13.73 -14.20 3.31
C CYS A 78 -13.11 -15.54 3.68
N TYR A 79 -13.48 -16.08 4.84
CA TYR A 79 -12.84 -17.30 5.33
C TYR A 79 -13.23 -18.53 4.52
N SER A 80 -14.43 -18.55 3.96
CA SER A 80 -14.96 -19.76 3.34
C SER A 80 -14.74 -19.83 1.84
N VAL A 81 -14.61 -18.70 1.15
CA VAL A 81 -14.57 -18.70 -0.32
C VAL A 81 -13.43 -17.84 -0.84
N PHE A 82 -13.33 -16.61 -0.32
CA PHE A 82 -12.41 -15.63 -0.87
C PHE A 82 -11.28 -15.33 0.09
N THR A 83 -10.49 -16.34 0.43
CA THR A 83 -9.45 -16.20 1.44
C THR A 83 -8.14 -15.65 0.89
N ASN A 84 -7.85 -15.90 -0.39
CA ASN A 84 -6.50 -15.74 -0.90
C ASN A 84 -6.46 -14.75 -2.06
N ARG A 85 -5.32 -14.10 -2.20
CA ARG A 85 -5.02 -13.35 -3.40
C ARG A 85 -4.49 -14.30 -4.47
N ARG A 86 -4.33 -13.78 -5.69
CA ARG A 86 -3.87 -14.65 -6.76
C ARG A 86 -2.43 -15.07 -6.51
N PRO A 87 -2.03 -16.26 -6.94
CA PRO A 87 -0.70 -16.76 -6.62
C PRO A 87 0.40 -15.82 -7.09
N PHE A 88 1.49 -15.78 -6.32
CA PHE A 88 2.64 -14.94 -6.63
C PHE A 88 3.90 -15.75 -6.39
N GLY A 89 4.75 -15.84 -7.39
CA GLY A 89 5.96 -16.60 -7.29
C GLY A 89 6.96 -16.27 -8.38
N PRO A 90 8.12 -16.92 -8.37
CA PRO A 90 8.60 -17.92 -7.39
C PRO A 90 9.01 -17.24 -6.09
N VAL A 91 8.58 -17.74 -4.92
CA VAL A 91 8.75 -17.01 -3.67
C VAL A 91 9.84 -17.68 -2.84
N GLY A 92 9.94 -18.99 -2.97
CA GLY A 92 10.88 -19.73 -2.15
C GLY A 92 10.37 -19.80 -0.73
N PHE A 93 11.22 -19.40 0.22
CA PHE A 93 10.82 -19.40 1.62
C PHE A 93 9.85 -18.27 1.94
N MET A 94 9.72 -17.27 1.07
CA MET A 94 8.76 -16.20 1.29
C MET A 94 7.31 -16.66 1.16
N LYS A 95 7.09 -17.94 0.85
CA LYS A 95 5.76 -18.50 0.92
C LYS A 95 5.17 -18.39 2.32
N SER A 96 6.01 -18.29 3.34
CA SER A 96 5.57 -18.16 4.72
C SER A 96 5.18 -16.73 5.09
N ALA A 97 5.37 -15.76 4.20
CA ALA A 97 4.92 -14.41 4.46
C ALA A 97 3.40 -14.37 4.50
N ILE A 98 2.85 -13.50 5.36
CA ILE A 98 1.42 -13.52 5.62
C ILE A 98 0.62 -13.13 4.38
N SER A 99 1.14 -12.19 3.59
CA SER A 99 0.42 -11.73 2.41
C SER A 99 0.41 -12.76 1.30
N ILE A 100 1.32 -13.73 1.34
CA ILE A 100 1.44 -14.76 0.31
C ILE A 100 0.75 -16.03 0.77
N ALA A 101 0.74 -16.26 2.09
CA ALA A 101 0.18 -17.49 2.64
C ALA A 101 -1.31 -17.61 2.30
N GLU A 102 -1.80 -18.85 2.35
CA GLU A 102 -3.16 -19.15 1.93
C GLU A 102 -3.88 -19.97 2.99
N ASP A 103 -5.20 -19.80 3.03
CA ASP A 103 -6.15 -20.66 3.77
C ASP A 103 -5.71 -20.73 5.24
N GLU A 104 -5.58 -21.93 5.82
CA GLU A 104 -5.29 -22.04 7.25
C GLU A 104 -3.93 -21.48 7.60
N GLU A 105 -2.95 -21.58 6.70
CA GLU A 105 -1.63 -21.06 6.98
C GLU A 105 -1.66 -19.55 7.14
N TRP A 106 -2.38 -18.84 6.25
CA TRP A 106 -2.55 -17.41 6.44
C TRP A 106 -3.37 -17.11 7.68
N LYS A 107 -4.43 -17.89 7.93
CA LYS A 107 -5.28 -17.68 9.09
C LYS A 107 -4.47 -17.72 10.39
N ARG A 108 -3.51 -18.66 10.47
CA ARG A 108 -2.66 -18.75 11.65
C ARG A 108 -1.71 -17.55 11.73
N LEU A 109 -1.11 -17.16 10.61
CA LEU A 109 -0.18 -16.03 10.62
C LEU A 109 -0.89 -14.73 11.00
N ARG A 110 -2.13 -14.56 10.52
CA ARG A 110 -2.89 -13.37 10.88
C ARG A 110 -3.15 -13.30 12.38
N SER A 111 -3.31 -14.46 13.02
CA SER A 111 -3.55 -14.48 14.46
C SER A 111 -2.29 -14.12 15.24
N LEU A 112 -1.15 -14.68 14.83
CA LEU A 112 0.10 -14.45 15.56
C LEU A 112 0.58 -13.01 15.41
N LEU A 113 0.34 -12.38 14.27
CA LEU A 113 0.84 -11.04 14.02
C LEU A 113 -0.14 -9.95 14.45
N SER A 114 -1.41 -10.28 14.67
CA SER A 114 -2.39 -9.24 14.98
C SER A 114 -2.07 -8.45 16.24
N PRO A 115 -1.75 -9.06 17.39
CA PRO A 115 -1.46 -8.24 18.59
C PRO A 115 -0.29 -7.28 18.42
N THR A 116 0.54 -7.48 17.38
CA THR A 116 1.68 -6.61 17.14
C THR A 116 1.27 -5.29 16.49
N PHE A 117 0.12 -5.24 15.82
CA PHE A 117 -0.33 -4.05 15.10
C PHE A 117 -1.50 -3.35 15.79
N THR A 118 -1.54 -3.37 17.12
CA THR A 118 -2.64 -2.76 17.86
C THR A 118 -2.37 -1.28 18.13
N SER A 119 -3.40 -0.60 18.63
CA SER A 119 -3.25 0.79 19.02
C SER A 119 -2.21 0.95 20.13
N GLY A 120 -2.22 0.04 21.10
CA GLY A 120 -1.28 0.14 22.21
C GLY A 120 0.16 0.03 21.78
N LYS A 121 0.47 -0.96 20.93
CA LYS A 121 1.83 -1.15 20.46
C LYS A 121 2.30 0.02 19.59
N LEU A 122 1.39 0.61 18.81
CA LEU A 122 1.77 1.73 17.96
C LEU A 122 2.21 2.93 18.80
N LYS A 123 1.54 3.16 19.92
CA LYS A 123 1.92 4.27 20.79
C LYS A 123 3.30 4.09 21.38
N GLU A 124 3.71 2.85 21.63
CA GLU A 124 5.05 2.57 22.14
C GLU A 124 6.12 2.67 21.07
N MET A 125 5.75 2.73 19.79
CA MET A 125 6.72 2.89 18.71
C MET A 125 6.90 4.33 18.28
N VAL A 126 5.96 5.21 18.62
CA VAL A 126 5.99 6.62 18.22
C VAL A 126 7.32 7.30 18.58
N PRO A 127 7.86 7.09 19.79
CA PRO A 127 9.18 7.72 20.08
C PRO A 127 10.27 7.29 19.13
N ILE A 128 10.16 6.11 18.51
CA ILE A 128 11.13 5.70 17.51
C ILE A 128 10.88 6.41 16.19
N ILE A 129 9.61 6.47 15.77
CA ILE A 129 9.25 7.17 14.54
C ILE A 129 9.58 8.65 14.64
N ALA A 130 9.50 9.22 15.85
CA ALA A 130 9.78 10.64 16.02
C ALA A 130 11.24 10.95 15.70
N GLN A 131 12.16 10.07 16.11
CA GLN A 131 13.58 10.31 15.85
C GLN A 131 13.86 10.42 14.37
N TYR A 132 13.32 9.48 13.58
CA TYR A 132 13.49 9.54 12.13
C TYR A 132 12.77 10.73 11.52
N GLY A 133 11.77 11.28 12.21
CA GLY A 133 11.20 12.54 11.78
C GLY A 133 12.20 13.68 11.91
N ASP A 134 12.99 13.68 12.98
CA ASP A 134 14.05 14.67 13.12
C ASP A 134 15.09 14.51 12.01
N VAL A 135 15.36 13.27 11.61
CA VAL A 135 16.29 13.03 10.51
C VAL A 135 15.71 13.55 9.20
N LEU A 136 14.39 13.41 9.02
CA LEU A 136 13.75 13.91 7.82
C LEU A 136 13.85 15.42 7.71
N VAL A 137 13.72 16.12 8.84
CA VAL A 137 13.76 17.58 8.82
C VAL A 137 15.16 18.08 8.48
N ARG A 138 16.19 17.49 9.11
CA ARG A 138 17.55 17.92 8.82
C ARG A 138 18.00 17.48 7.43
N ASN A 139 17.45 16.38 6.92
CA ASN A 139 17.72 16.03 5.53
C ASN A 139 16.97 16.95 4.56
N LEU A 140 15.86 17.53 5.00
CA LEU A 140 15.09 18.44 4.16
C LEU A 140 15.70 19.84 4.15
N ARG A 141 16.03 20.37 5.34
CA ARG A 141 16.63 21.69 5.43
C ARG A 141 17.98 21.77 4.74
N ARG A 142 18.62 20.62 4.49
CA ARG A 142 19.84 20.61 3.69
C ARG A 142 19.54 20.98 2.25
N GLU A 143 18.64 20.23 1.59
CA GLU A 143 18.20 20.60 0.26
C GLU A 143 17.44 21.91 0.24
N ALA A 144 16.96 22.38 1.40
CA ALA A 144 16.30 23.68 1.45
C ALA A 144 17.31 24.81 1.35
N GLU A 145 18.48 24.63 1.96
CA GLU A 145 19.57 25.61 1.82
C GLU A 145 19.79 25.95 0.35
N THR A 146 20.02 24.92 -0.47
CA THR A 146 20.05 25.10 -1.91
C THR A 146 18.68 25.55 -2.40
N GLY A 147 18.58 26.78 -2.93
CA GLY A 147 17.33 27.27 -3.46
C GLY A 147 16.84 26.42 -4.62
N LYS A 148 17.77 25.65 -5.16
CA LYS A 148 17.44 24.65 -6.17
C LYS A 148 16.35 23.71 -5.63
N PRO A 149 15.33 23.40 -6.44
CA PRO A 149 14.18 22.64 -5.93
C PRO A 149 14.56 21.24 -5.44
N VAL A 150 13.61 20.63 -4.74
CA VAL A 150 13.82 19.36 -4.07
C VAL A 150 12.94 18.30 -4.75
N THR A 151 13.55 17.20 -5.15
CA THR A 151 12.79 16.03 -5.59
C THR A 151 12.43 15.23 -4.34
N LEU A 152 11.14 15.16 -4.03
CA LEU A 152 10.71 14.67 -2.72
C LEU A 152 10.92 13.17 -2.57
N LYS A 153 10.87 12.41 -3.66
CA LYS A 153 10.91 10.95 -3.56
C LYS A 153 12.20 10.46 -2.91
N ASP A 154 13.26 11.27 -2.91
CA ASP A 154 14.51 10.84 -2.31
C ASP A 154 14.50 11.10 -0.79
N VAL A 155 14.14 12.31 -0.38
CA VAL A 155 14.13 12.63 1.05
C VAL A 155 12.98 11.91 1.76
N PHE A 156 11.87 11.68 1.06
CA PHE A 156 10.77 10.91 1.64
C PHE A 156 11.03 9.41 1.58
N GLY A 157 11.58 8.94 0.45
CA GLY A 157 11.94 7.54 0.35
C GLY A 157 12.99 7.16 1.37
N ALA A 158 13.94 8.06 1.64
CA ALA A 158 14.91 7.82 2.70
C ALA A 158 14.24 7.73 4.06
N TYR A 159 13.23 8.58 4.29
CA TYR A 159 12.48 8.51 5.54
C TYR A 159 11.64 7.24 5.60
N SER A 160 10.95 6.91 4.50
CA SER A 160 10.08 5.74 4.49
C SER A 160 10.87 4.47 4.79
N MET A 161 12.02 4.31 4.14
CA MET A 161 12.86 3.14 4.39
C MET A 161 13.47 3.19 5.79
N ASP A 162 13.82 4.39 6.25
CA ASP A 162 14.35 4.56 7.61
C ASP A 162 13.45 3.90 8.64
N VAL A 163 12.18 4.31 8.68
CA VAL A 163 11.27 3.85 9.73
C VAL A 163 10.95 2.37 9.55
N ILE A 164 10.61 1.97 8.31
CA ILE A 164 10.03 0.65 8.11
C ILE A 164 11.05 -0.45 8.36
N THR A 165 12.31 -0.24 7.97
CA THR A 165 13.31 -1.27 8.20
C THR A 165 13.81 -1.26 9.63
N SER A 166 13.87 -0.08 10.25
CA SER A 166 14.27 0.01 11.66
C SER A 166 13.25 -0.68 12.55
N THR A 167 11.97 -0.40 12.34
CA THR A 167 10.94 -1.04 13.14
C THR A 167 10.89 -2.54 12.87
N SER A 168 11.09 -2.94 11.61
CA SER A 168 11.01 -4.36 11.26
C SER A 168 12.26 -5.15 11.62
N PHE A 169 13.38 -4.47 11.90
CA PHE A 169 14.62 -5.17 12.19
C PHE A 169 15.40 -4.60 13.36
N GLY A 170 14.90 -3.55 14.03
CA GLY A 170 15.52 -3.11 15.27
C GLY A 170 16.83 -2.36 15.13
N VAL A 171 17.16 -1.89 13.93
CA VAL A 171 18.40 -1.18 13.71
C VAL A 171 18.11 0.31 13.61
N ASN A 172 19.16 1.12 13.52
CA ASN A 172 19.06 2.57 13.40
C ASN A 172 19.96 3.01 12.26
N ILE A 173 19.40 3.82 11.35
CA ILE A 173 20.21 4.32 10.23
C ILE A 173 19.69 5.68 9.80
N ASP A 174 20.63 6.60 9.57
CA ASP A 174 20.42 7.76 8.72
C ASP A 174 20.75 7.35 7.29
N SER A 175 19.81 6.59 6.69
CA SER A 175 20.05 5.93 5.42
C SER A 175 20.54 6.89 4.34
N LEU A 176 20.10 8.14 4.40
CA LEU A 176 20.58 9.13 3.44
C LEU A 176 22.06 9.45 3.69
N ASN A 177 22.42 9.72 4.93
CA ASN A 177 23.78 10.09 5.29
C ASN A 177 24.64 8.89 5.67
N ASN A 178 24.15 7.67 5.48
CA ASN A 178 24.92 6.46 5.75
C ASN A 178 24.60 5.40 4.70
N PRO A 179 25.10 5.56 3.47
CA PRO A 179 24.98 4.48 2.49
C PRO A 179 26.08 3.44 2.68
N GLN A 180 26.38 3.12 3.92
CA GLN A 180 27.50 2.23 4.24
C GLN A 180 27.07 1.15 5.22
N ASP A 181 26.04 1.42 6.00
CA ASP A 181 25.57 0.46 6.99
C ASP A 181 25.13 -0.82 6.30
N PRO A 182 25.50 -1.99 6.82
CA PRO A 182 25.17 -3.25 6.10
C PRO A 182 23.68 -3.43 5.89
N PHE A 183 22.86 -2.98 6.83
CA PHE A 183 21.41 -3.14 6.71
C PHE A 183 20.77 -2.12 5.78
N VAL A 184 21.57 -1.39 5.00
CA VAL A 184 21.06 -0.39 4.07
C VAL A 184 21.16 -0.88 2.63
N GLU A 185 22.36 -1.24 2.16
CA GLU A 185 22.52 -1.66 0.78
C GLU A 185 21.68 -2.90 0.48
N ASN A 186 21.55 -3.81 1.46
CA ASN A 186 20.71 -4.99 1.26
C ASN A 186 19.25 -4.59 1.09
N THR A 187 18.75 -3.74 2.00
CA THR A 187 17.37 -3.29 1.89
C THR A 187 17.15 -2.46 0.63
N LYS A 188 18.20 -1.81 0.12
CA LYS A 188 18.04 -0.98 -1.05
C LYS A 188 17.78 -1.83 -2.29
N LYS A 189 18.67 -2.79 -2.59
CA LYS A 189 18.48 -3.64 -3.75
C LYS A 189 17.23 -4.50 -3.61
N LEU A 190 16.86 -4.83 -2.37
CA LEU A 190 15.62 -5.58 -2.15
C LEU A 190 14.41 -4.76 -2.58
N LEU A 191 14.34 -3.50 -2.13
CA LEU A 191 13.18 -2.65 -2.42
C LEU A 191 13.12 -2.18 -3.86
N ARG A 192 14.15 -2.45 -4.66
CA ARG A 192 14.10 -2.20 -6.09
C ARG A 192 13.36 -3.35 -6.74
N PHE A 193 12.14 -3.09 -7.22
CA PHE A 193 11.31 -4.13 -7.81
C PHE A 193 10.48 -3.58 -8.97
N PHE A 200 6.96 -10.77 -12.18
CA PHE A 200 6.35 -9.45 -12.02
C PHE A 200 5.46 -9.12 -13.21
N LEU A 201 5.75 -9.75 -14.36
CA LEU A 201 4.95 -9.50 -15.56
C LEU A 201 4.24 -10.77 -16.00
N SER A 202 4.94 -11.64 -16.74
CA SER A 202 4.34 -12.88 -17.17
C SER A 202 4.01 -13.81 -16.01
N ILE A 203 4.45 -13.50 -14.80
CA ILE A 203 3.99 -14.24 -13.62
C ILE A 203 2.50 -14.05 -13.44
N THR A 204 1.97 -12.91 -13.91
CA THR A 204 0.53 -12.67 -13.91
C THR A 204 -0.12 -13.08 -15.22
N VAL A 205 0.51 -12.74 -16.34
CA VAL A 205 -0.05 -13.06 -17.64
C VAL A 205 0.07 -14.55 -17.92
N PHE A 206 1.19 -15.16 -17.54
CA PHE A 206 1.48 -16.57 -17.81
C PHE A 206 1.85 -17.28 -16.51
N PRO A 207 0.93 -17.38 -15.56
CA PRO A 207 1.28 -17.93 -14.24
C PRO A 207 1.53 -19.41 -14.26
N PHE A 208 1.38 -20.07 -15.41
CA PHE A 208 1.69 -21.49 -15.53
C PHE A 208 3.18 -21.77 -15.42
N LEU A 209 4.04 -20.74 -15.53
CA LEU A 209 5.49 -20.93 -15.47
C LEU A 209 6.03 -20.93 -14.05
N ILE A 210 5.32 -20.33 -13.10
CA ILE A 210 5.76 -20.20 -11.72
C ILE A 210 6.30 -21.53 -11.18
N PRO A 211 5.57 -22.65 -11.28
CA PRO A 211 6.15 -23.93 -10.82
C PRO A 211 7.47 -24.27 -11.50
N ILE A 212 7.59 -23.99 -12.81
CA ILE A 212 8.88 -24.16 -13.48
C ILE A 212 9.93 -23.25 -12.86
N LEU A 213 9.57 -21.99 -12.67
CA LEU A 213 10.51 -21.02 -12.11
C LEU A 213 10.91 -21.40 -10.69
N GLU A 214 9.98 -21.99 -9.92
CA GLU A 214 10.27 -22.40 -8.56
C GLU A 214 11.37 -23.46 -8.54
N VAL A 215 11.15 -24.58 -9.25
CA VAL A 215 12.11 -25.67 -9.28
C VAL A 215 13.43 -25.24 -9.92
N LEU A 216 13.40 -24.22 -10.79
CA LEU A 216 14.64 -23.60 -11.24
C LEU A 216 15.46 -23.01 -10.10
N ASN A 217 14.93 -22.95 -8.88
CA ASN A 217 15.58 -22.29 -7.74
C ASN A 217 15.57 -20.77 -7.95
N ILE A 218 14.77 -20.28 -8.88
CA ILE A 218 14.65 -18.84 -9.12
C ILE A 218 13.93 -18.19 -7.95
N CYS A 219 14.45 -17.05 -7.51
CA CYS A 219 13.82 -16.25 -6.48
C CYS A 219 13.80 -14.80 -6.97
N VAL A 220 12.59 -14.27 -7.19
CA VAL A 220 12.46 -12.87 -7.58
C VAL A 220 13.11 -11.95 -6.56
N PHE A 221 13.24 -12.41 -5.33
CA PHE A 221 14.03 -11.73 -4.30
C PHE A 221 15.49 -12.15 -4.43
N PRO A 222 16.42 -11.21 -4.43
CA PRO A 222 17.84 -11.56 -4.59
C PRO A 222 18.29 -12.58 -3.55
N ARG A 223 19.17 -13.49 -3.99
CA ARG A 223 19.55 -14.62 -3.15
C ARG A 223 20.47 -14.21 -2.00
N GLU A 224 21.23 -13.12 -2.17
CA GLU A 224 22.17 -12.70 -1.14
C GLU A 224 21.50 -11.90 -0.04
N VAL A 225 20.51 -11.06 -0.40
CA VAL A 225 19.84 -10.24 0.59
C VAL A 225 19.05 -11.11 1.56
N THR A 226 18.36 -12.13 1.04
CA THR A 226 17.59 -13.03 1.92
C THR A 226 18.52 -13.79 2.86
N ASN A 227 19.63 -14.30 2.35
CA ASN A 227 20.62 -14.95 3.22
C ASN A 227 21.24 -13.95 4.18
N PHE A 228 21.28 -12.68 3.81
CA PHE A 228 21.83 -11.65 4.69
C PHE A 228 20.92 -11.41 5.88
N LEU A 229 19.63 -11.19 5.62
CA LEU A 229 18.70 -10.83 6.70
C LEU A 229 18.49 -11.99 7.67
N ARG A 230 18.60 -13.23 7.20
CA ARG A 230 18.41 -14.38 8.08
C ARG A 230 19.49 -14.43 9.15
N LYS A 231 20.75 -14.40 8.73
CA LYS A 231 21.85 -14.29 9.70
C LYS A 231 21.77 -12.99 10.49
N SER A 232 21.16 -11.96 9.90
CA SER A 232 21.03 -10.69 10.59
C SER A 232 20.06 -10.78 11.77
N VAL A 233 18.91 -11.43 11.55
CA VAL A 233 17.95 -11.60 12.65
C VAL A 233 18.52 -12.52 13.72
N LYS A 234 19.27 -13.54 13.31
CA LYS A 234 19.87 -14.46 14.28
C LYS A 234 20.89 -13.74 15.15
N ARG A 235 21.47 -12.64 14.66
CA ARG A 235 22.39 -11.86 15.49
C ARG A 235 21.69 -11.33 16.73
N MET A 236 20.49 -10.78 16.57
CA MET A 236 19.75 -10.18 17.67
C MET A 236 18.96 -11.19 18.48
N LYS A 237 19.09 -12.48 18.17
CA LYS A 237 18.54 -13.51 19.06
C LYS A 237 19.35 -13.60 20.35
N GLU A 238 20.61 -13.19 20.31
CA GLU A 238 21.53 -13.34 21.44
C GLU A 238 21.44 -12.15 22.39
N SER A 239 20.22 -11.77 22.76
CA SER A 239 20.03 -10.64 23.67
C SER A 239 19.32 -11.09 24.93
N ARG A 248 13.87 -1.19 22.07
CA ARG A 248 13.53 -2.59 22.29
C ARG A 248 12.02 -2.78 22.20
N VAL A 249 11.36 -1.87 21.51
CA VAL A 249 9.93 -1.99 21.23
C VAL A 249 9.70 -1.79 19.74
N ASP A 250 9.93 -2.84 18.96
CA ASP A 250 9.86 -2.78 17.52
C ASP A 250 9.12 -4.00 17.00
N PHE A 251 8.78 -3.98 15.71
CA PHE A 251 8.12 -5.10 15.07
C PHE A 251 8.89 -6.40 15.30
N LEU A 252 10.20 -6.37 15.07
CA LEU A 252 11.03 -7.56 15.31
C LEU A 252 10.95 -8.00 16.76
N GLN A 253 10.96 -7.03 17.69
CA GLN A 253 10.94 -7.39 19.11
C GLN A 253 9.57 -7.91 19.53
N LEU A 254 8.50 -7.30 19.00
CA LEU A 254 7.15 -7.76 19.35
C LEU A 254 6.88 -9.16 18.81
N MET A 255 7.53 -9.53 17.70
CA MET A 255 7.35 -10.88 17.15
C MET A 255 8.16 -11.90 17.93
N ILE A 256 9.33 -11.52 18.42
CA ILE A 256 10.13 -12.44 19.24
C ILE A 256 9.42 -12.74 20.55
N ASP A 257 8.76 -11.74 21.12
CA ASP A 257 7.98 -11.96 22.35
C ASP A 257 6.78 -12.88 22.10
N SER A 258 6.27 -12.90 20.86
CA SER A 258 5.14 -13.78 20.56
C SER A 258 5.57 -15.25 20.50
N GLN A 259 6.81 -15.52 20.09
CA GLN A 259 7.29 -16.89 20.06
C GLN A 259 7.26 -17.50 21.46
N ASN A 260 7.86 -16.81 22.43
CA ASN A 260 7.80 -17.24 23.83
C ASN A 260 6.44 -16.83 24.42
N SER A 261 5.40 -17.55 23.99
CA SER A 261 4.03 -17.27 24.39
C SER A 261 3.82 -17.38 25.90
N SER A 266 -5.53 -21.63 19.42
CA SER A 266 -4.09 -21.57 19.57
C SER A 266 -3.38 -22.02 18.30
N HIS A 267 -2.13 -21.58 18.14
CA HIS A 267 -1.35 -21.91 16.95
C HIS A 267 0.11 -22.09 17.35
N LYS A 268 0.84 -22.85 16.54
CA LYS A 268 2.27 -22.98 16.74
C LYS A 268 2.95 -21.62 16.57
N ALA A 269 3.96 -21.37 17.38
CA ALA A 269 4.62 -20.07 17.37
C ALA A 269 5.33 -19.83 16.06
N LEU A 270 5.67 -18.56 15.81
CA LEU A 270 6.40 -18.19 14.62
C LEU A 270 7.78 -18.82 14.63
N SER A 271 8.11 -19.54 13.57
CA SER A 271 9.44 -20.14 13.46
C SER A 271 10.47 -19.06 13.18
N ASP A 272 11.74 -19.44 13.23
CA ASP A 272 12.81 -18.51 12.92
C ASP A 272 12.73 -18.04 11.48
N LEU A 273 12.41 -18.95 10.56
CA LEU A 273 12.31 -18.57 9.15
C LEU A 273 11.04 -17.78 8.87
N GLU A 274 9.93 -18.14 9.52
CA GLU A 274 8.70 -17.38 9.36
C GLU A 274 8.86 -15.96 9.85
N LEU A 275 9.59 -15.78 10.96
CA LEU A 275 9.79 -14.44 11.49
C LEU A 275 10.54 -13.55 10.50
N VAL A 276 11.57 -14.11 9.84
CA VAL A 276 12.29 -13.35 8.84
C VAL A 276 11.38 -13.00 7.67
N ALA A 277 10.46 -13.92 7.33
CA ALA A 277 9.57 -13.68 6.21
C ALA A 277 8.63 -12.51 6.48
N GLN A 278 8.14 -12.40 7.72
CA GLN A 278 7.23 -11.30 8.06
C GLN A 278 7.95 -9.96 8.05
N SER A 279 9.16 -9.92 8.62
CA SER A 279 9.91 -8.67 8.64
C SER A 279 10.24 -8.20 7.23
N ILE A 280 10.53 -9.14 6.32
CA ILE A 280 10.78 -8.76 4.94
C ILE A 280 9.50 -8.25 4.28
N ILE A 281 8.37 -8.92 4.52
CA ILE A 281 7.13 -8.53 3.86
C ILE A 281 6.64 -7.19 4.37
N PHE A 282 7.00 -6.81 5.60
CA PHE A 282 6.61 -5.50 6.12
C PHE A 282 7.35 -4.39 5.38
N ILE A 283 8.60 -4.64 5.00
CA ILE A 283 9.37 -3.64 4.27
C ILE A 283 8.80 -3.42 2.89
N PHE A 284 8.35 -4.49 2.24
CA PHE A 284 7.78 -4.35 0.91
C PHE A 284 6.42 -3.65 0.94
N ALA A 285 5.59 -3.98 1.92
CA ALA A 285 4.29 -3.35 2.03
C ALA A 285 4.36 -1.93 2.56
N GLY A 286 5.51 -1.51 3.10
CA GLY A 286 5.58 -0.23 3.76
C GLY A 286 6.51 0.82 3.16
N TYR A 287 7.49 0.39 2.37
CA TYR A 287 8.45 1.35 1.82
C TYR A 287 7.88 2.22 0.72
N GLU A 288 7.63 1.64 -0.45
CA GLU A 288 7.18 2.44 -1.58
C GLU A 288 5.74 2.91 -1.42
N THR A 289 4.94 2.20 -0.62
CA THR A 289 3.60 2.66 -0.34
C THR A 289 3.61 4.00 0.41
N THR A 290 4.35 4.05 1.53
CA THR A 290 4.43 5.28 2.31
C THR A 290 5.11 6.38 1.53
N SER A 291 6.20 6.06 0.83
CA SER A 291 6.96 7.08 0.10
C SER A 291 6.11 7.73 -0.98
N SER A 292 5.27 6.95 -1.67
CA SER A 292 4.46 7.51 -2.74
C SER A 292 3.35 8.38 -2.20
N VAL A 293 2.69 7.95 -1.12
CA VAL A 293 1.61 8.76 -0.55
C VAL A 293 2.15 10.08 -0.02
N LEU A 294 3.35 10.05 0.57
CA LEU A 294 3.94 11.28 1.08
C LEU A 294 4.25 12.26 -0.06
N SER A 295 4.73 11.74 -1.20
CA SER A 295 4.92 12.60 -2.36
C SER A 295 3.58 13.06 -2.92
N PHE A 296 2.58 12.17 -2.95
CA PHE A 296 1.25 12.56 -3.39
C PHE A 296 0.67 13.65 -2.48
N ILE A 297 0.80 13.47 -1.16
CA ILE A 297 0.25 14.44 -0.22
C ILE A 297 0.88 15.81 -0.41
N MET A 298 2.21 15.84 -0.49
CA MET A 298 2.91 17.12 -0.61
C MET A 298 2.66 17.79 -1.95
N TYR A 299 2.41 17.00 -3.00
CA TYR A 299 1.98 17.58 -4.27
C TYR A 299 0.64 18.29 -4.11
N GLU A 300 -0.29 17.66 -3.40
CA GLU A 300 -1.60 18.28 -3.20
C GLU A 300 -1.51 19.50 -2.30
N LEU A 301 -0.61 19.47 -1.31
CA LEU A 301 -0.45 20.64 -0.44
C LEU A 301 0.24 21.78 -1.16
N ALA A 302 1.14 21.48 -2.10
CA ALA A 302 1.81 22.53 -2.85
C ALA A 302 0.86 23.18 -3.85
N THR A 303 0.04 22.39 -4.54
CA THR A 303 -0.93 22.92 -5.47
C THR A 303 -2.21 23.41 -4.81
N HIS A 304 -2.29 23.35 -3.48
CA HIS A 304 -3.40 23.92 -2.73
C HIS A 304 -2.84 24.64 -1.50
N PRO A 305 -2.34 25.87 -1.69
CA PRO A 305 -1.74 26.60 -0.56
C PRO A 305 -2.70 26.82 0.60
N ASP A 306 -3.99 27.05 0.32
CA ASP A 306 -4.95 27.26 1.41
C ASP A 306 -5.06 26.02 2.29
N VAL A 307 -5.07 24.83 1.67
CA VAL A 307 -5.14 23.60 2.44
C VAL A 307 -3.87 23.39 3.24
N GLN A 308 -2.72 23.73 2.65
CA GLN A 308 -1.46 23.67 3.40
C GLN A 308 -1.44 24.70 4.52
N GLN A 309 -2.02 25.87 4.29
CA GLN A 309 -2.09 26.88 5.35
C GLN A 309 -3.00 26.43 6.48
N LYS A 310 -4.22 26.01 6.15
CA LYS A 310 -5.16 25.55 7.16
C LYS A 310 -4.61 24.36 7.93
N LEU A 311 -3.81 23.52 7.28
CA LEU A 311 -3.20 22.39 7.98
C LEU A 311 -2.08 22.84 8.89
N GLN A 312 -1.18 23.69 8.38
CA GLN A 312 -0.09 24.21 9.21
C GLN A 312 -0.63 25.01 10.39
N GLU A 313 -1.77 25.70 10.21
CA GLU A 313 -2.37 26.42 11.33
C GLU A 313 -2.93 25.46 12.37
N GLU A 314 -3.43 24.30 11.95
CA GLU A 314 -3.91 23.32 12.91
C GLU A 314 -2.76 22.70 13.70
N ILE A 315 -1.65 22.39 13.02
CA ILE A 315 -0.52 21.77 13.70
C ILE A 315 0.05 22.70 14.76
N ASP A 316 0.12 24.00 14.45
CA ASP A 316 0.68 24.96 15.40
C ASP A 316 -0.28 25.27 16.55
N ALA A 317 -1.57 25.02 16.38
CA ALA A 317 -2.51 25.18 17.49
C ALA A 317 -2.44 23.98 18.43
N VAL A 318 -2.45 22.78 17.87
CA VAL A 318 -2.30 21.57 18.69
C VAL A 318 -0.89 21.49 19.28
N LEU A 319 0.11 21.93 18.53
CA LEU A 319 1.51 21.87 18.94
C LEU A 319 2.10 23.27 18.84
N PRO A 320 1.93 24.08 19.87
CA PRO A 320 2.50 25.44 19.85
C PRO A 320 4.01 25.41 20.03
N ASN A 321 4.65 26.46 19.51
CA ASN A 321 6.11 26.61 19.58
C ASN A 321 6.81 25.44 18.89
N LYS A 322 6.21 24.95 17.80
CA LYS A 322 6.71 23.77 17.09
C LYS A 322 6.89 22.59 18.04
N ALA A 323 5.88 22.36 18.88
CA ALA A 323 5.98 21.30 19.88
C ALA A 323 6.08 19.95 19.18
N PRO A 324 6.85 19.00 19.74
CA PRO A 324 6.98 17.70 19.09
C PRO A 324 5.66 16.95 19.12
N PRO A 325 5.37 16.16 18.08
CA PRO A 325 4.11 15.43 18.05
C PRO A 325 4.16 14.14 18.86
N THR A 326 3.04 13.82 19.47
CA THR A 326 2.87 12.59 20.24
C THR A 326 1.73 11.77 19.66
N TYR A 327 1.52 10.58 20.22
CA TYR A 327 0.47 9.69 19.73
C TYR A 327 -0.91 10.34 19.87
N ASP A 328 -1.22 10.86 21.05
CA ASP A 328 -2.57 11.36 21.30
C ASP A 328 -2.82 12.71 20.61
N THR A 329 -1.77 13.49 20.37
CA THR A 329 -1.95 14.74 19.64
C THR A 329 -2.18 14.52 18.15
N VAL A 330 -1.61 13.45 17.60
CA VAL A 330 -1.84 13.14 16.18
C VAL A 330 -3.31 12.82 15.95
N LEU A 331 -3.91 12.00 16.81
CA LEU A 331 -5.33 11.70 16.69
C LEU A 331 -6.21 12.90 17.01
N GLN A 332 -5.62 13.99 17.51
CA GLN A 332 -6.39 15.21 17.79
C GLN A 332 -6.53 16.10 16.57
N MET A 333 -5.72 15.87 15.53
CA MET A 333 -5.68 16.73 14.35
C MET A 333 -6.65 16.18 13.31
N GLU A 334 -7.87 16.69 13.31
CA GLU A 334 -8.90 16.19 12.39
C GLU A 334 -8.60 16.58 10.95
N TYR A 335 -8.13 17.81 10.72
CA TYR A 335 -7.87 18.24 9.35
C TYR A 335 -6.71 17.49 8.74
N LEU A 336 -5.70 17.15 9.54
CA LEU A 336 -4.63 16.30 9.08
C LEU A 336 -5.17 14.94 8.63
N ASP A 337 -6.17 14.43 9.34
CA ASP A 337 -6.78 13.16 8.95
C ASP A 337 -7.59 13.32 7.67
N MET A 338 -8.24 14.48 7.50
CA MET A 338 -9.02 14.71 6.29
C MET A 338 -8.12 14.82 5.07
N VAL A 339 -6.99 15.50 5.20
CA VAL A 339 -6.06 15.64 4.08
C VAL A 339 -5.49 14.29 3.68
N VAL A 340 -5.09 13.48 4.68
CA VAL A 340 -4.53 12.17 4.38
C VAL A 340 -5.56 11.29 3.67
N ASN A 341 -6.79 11.25 4.20
CA ASN A 341 -7.81 10.39 3.63
C ASN A 341 -8.17 10.82 2.21
N GLU A 342 -8.25 12.13 1.97
CA GLU A 342 -8.62 12.60 0.63
C GLU A 342 -7.51 12.32 -0.38
N THR A 343 -6.25 12.33 0.06
CA THR A 343 -5.17 11.94 -0.84
C THR A 343 -5.26 10.46 -1.19
N LEU A 344 -5.68 9.63 -0.22
CA LEU A 344 -5.77 8.19 -0.48
C LEU A 344 -6.94 7.85 -1.40
N ARG A 345 -8.03 8.62 -1.34
CA ARG A 345 -9.09 8.43 -2.32
C ARG A 345 -8.60 8.71 -3.73
N LEU A 346 -7.95 9.86 -3.94
CA LEU A 346 -7.44 10.18 -5.26
C LEU A 346 -6.35 9.23 -5.70
N PHE A 347 -5.54 8.74 -4.77
CA PHE A 347 -4.39 7.90 -5.09
C PHE A 347 -4.36 6.65 -4.22
N PRO A 348 -5.26 5.69 -4.48
CA PRO A 348 -5.17 4.40 -3.80
C PRO A 348 -4.10 3.53 -4.44
N ILE A 349 -2.89 3.53 -3.86
CA ILE A 349 -1.72 2.98 -4.54
C ILE A 349 -1.84 1.48 -4.80
N ALA A 350 -2.75 0.78 -4.14
CA ALA A 350 -2.98 -0.61 -4.51
C ALA A 350 -3.77 -0.71 -5.80
N MET A 351 -4.61 0.28 -6.09
CA MET A 351 -5.41 0.37 -7.31
C MET A 351 -6.52 -0.68 -7.36
N ARG A 352 -6.21 -1.90 -6.93
CA ARG A 352 -7.16 -3.01 -7.02
C ARG A 352 -7.05 -3.87 -5.77
N LEU A 353 -8.18 -4.45 -5.37
CA LEU A 353 -8.22 -5.55 -4.42
C LEU A 353 -8.62 -6.81 -5.16
N GLU A 354 -8.06 -7.95 -4.76
CA GLU A 354 -8.29 -9.19 -5.47
C GLU A 354 -8.48 -10.33 -4.48
N ARG A 355 -9.39 -11.24 -4.83
CA ARG A 355 -9.62 -12.47 -4.10
C ARG A 355 -9.83 -13.59 -5.10
N VAL A 356 -9.31 -14.77 -4.78
CA VAL A 356 -9.50 -15.95 -5.61
C VAL A 356 -10.72 -16.70 -5.11
N CYS A 357 -11.67 -16.94 -6.01
CA CYS A 357 -12.84 -17.75 -5.67
C CYS A 357 -12.42 -19.21 -5.56
N LYS A 358 -12.37 -19.73 -4.34
CA LYS A 358 -11.87 -21.09 -4.12
C LYS A 358 -12.89 -22.17 -4.44
N LYS A 359 -14.17 -21.83 -4.62
CA LYS A 359 -15.17 -22.82 -4.91
C LYS A 359 -16.43 -22.14 -5.45
N ASP A 360 -17.20 -22.87 -6.25
CA ASP A 360 -18.43 -22.35 -6.84
C ASP A 360 -19.33 -21.73 -5.78
N VAL A 361 -19.74 -20.49 -6.01
CA VAL A 361 -20.58 -19.75 -5.07
C VAL A 361 -21.53 -18.84 -5.84
N GLU A 362 -22.63 -18.48 -5.19
CA GLU A 362 -23.54 -17.46 -5.67
C GLU A 362 -23.67 -16.40 -4.58
N ILE A 363 -23.46 -15.13 -4.94
CA ILE A 363 -23.50 -14.04 -3.98
C ILE A 363 -24.35 -12.92 -4.55
N ASN A 364 -25.31 -12.45 -3.76
CA ASN A 364 -26.21 -11.36 -4.15
C ASN A 364 -26.81 -11.62 -5.53
N GLY A 365 -27.26 -12.85 -5.76
CA GLY A 365 -27.90 -13.21 -7.00
C GLY A 365 -27.01 -13.23 -8.22
N MET A 366 -25.82 -13.84 -8.10
CA MET A 366 -24.91 -13.95 -9.23
C MET A 366 -23.96 -15.11 -9.00
N PHE A 367 -23.86 -16.00 -9.98
CA PHE A 367 -22.98 -17.16 -9.87
C PHE A 367 -21.54 -16.76 -10.17
N ILE A 368 -20.62 -17.25 -9.34
CA ILE A 368 -19.19 -17.03 -9.51
C ILE A 368 -18.52 -18.39 -9.62
N PRO A 369 -17.88 -18.70 -10.74
CA PRO A 369 -17.25 -20.02 -10.89
C PRO A 369 -15.95 -20.13 -10.10
N LYS A 370 -15.67 -21.35 -9.65
CA LYS A 370 -14.46 -21.64 -8.91
C LYS A 370 -13.23 -21.32 -9.76
N GLY A 371 -12.22 -20.73 -9.12
CA GLY A 371 -10.98 -20.38 -9.77
C GLY A 371 -10.92 -18.98 -10.34
N VAL A 372 -12.06 -18.30 -10.46
CA VAL A 372 -12.09 -16.93 -10.97
C VAL A 372 -11.43 -16.00 -9.95
N VAL A 373 -10.71 -15.01 -10.46
CA VAL A 373 -10.19 -13.93 -9.62
C VAL A 373 -11.24 -12.83 -9.54
N VAL A 374 -11.75 -12.57 -8.35
CA VAL A 374 -12.70 -11.47 -8.14
C VAL A 374 -11.92 -10.22 -7.78
N MET A 375 -12.10 -9.17 -8.55
CA MET A 375 -11.34 -7.93 -8.40
CA MET A 375 -11.35 -7.93 -8.42
C MET A 375 -12.27 -6.79 -8.04
N ILE A 376 -11.82 -5.93 -7.12
CA ILE A 376 -12.54 -4.74 -6.70
C ILE A 376 -11.76 -3.53 -7.21
N PRO A 377 -12.23 -2.85 -8.25
CA PRO A 377 -11.44 -1.75 -8.84
C PRO A 377 -11.42 -0.50 -7.98
N SER A 378 -10.52 -0.46 -6.99
CA SER A 378 -10.53 0.63 -6.01
C SER A 378 -10.36 1.99 -6.68
N TYR A 379 -9.39 2.10 -7.59
CA TYR A 379 -9.15 3.39 -8.25
C TYR A 379 -10.40 3.88 -8.96
N ALA A 380 -11.06 2.99 -9.70
CA ALA A 380 -12.27 3.37 -10.42
C ALA A 380 -13.37 3.79 -9.47
N LEU A 381 -13.57 3.02 -8.39
CA LEU A 381 -14.63 3.35 -7.44
C LEU A 381 -14.35 4.65 -6.69
N HIS A 382 -13.07 4.96 -6.45
CA HIS A 382 -12.72 6.19 -5.76
C HIS A 382 -12.99 7.43 -6.60
N ARG A 383 -12.97 7.30 -7.92
CA ARG A 383 -13.24 8.42 -8.83
C ARG A 383 -14.54 8.21 -9.61
N ASP A 384 -15.48 7.47 -9.03
CA ASP A 384 -16.78 7.27 -9.64
C ASP A 384 -17.67 8.48 -9.37
N PRO A 385 -18.13 9.19 -10.39
CA PRO A 385 -18.99 10.36 -10.15
C PRO A 385 -20.29 10.05 -9.43
N LYS A 386 -20.75 8.79 -9.45
CA LYS A 386 -22.00 8.44 -8.79
C LYS A 386 -21.89 8.49 -7.28
N TYR A 387 -20.67 8.44 -6.72
CA TYR A 387 -20.47 8.56 -5.28
C TYR A 387 -19.73 9.81 -4.87
N TRP A 388 -19.01 10.46 -5.79
CA TRP A 388 -18.17 11.60 -5.48
C TRP A 388 -18.51 12.76 -6.39
N THR A 389 -18.99 13.85 -5.82
CA THR A 389 -19.18 15.08 -6.57
C THR A 389 -17.83 15.65 -6.97
N GLU A 390 -17.63 15.85 -8.28
CA GLU A 390 -16.35 16.29 -8.83
C GLU A 390 -15.23 15.41 -8.29
N PRO A 391 -15.20 14.13 -8.68
CA PRO A 391 -14.27 13.18 -8.03
C PRO A 391 -12.81 13.45 -8.32
N GLU A 392 -12.49 14.25 -9.33
CA GLU A 392 -11.10 14.53 -9.67
C GLU A 392 -10.50 15.70 -8.90
N LYS A 393 -11.29 16.37 -8.06
CA LYS A 393 -10.79 17.49 -7.27
C LYS A 393 -10.34 17.03 -5.90
N PHE A 394 -9.22 17.60 -5.43
CA PHE A 394 -8.71 17.37 -4.10
C PHE A 394 -9.52 18.22 -3.12
N LEU A 395 -10.44 17.60 -2.40
CA LEU A 395 -11.37 18.31 -1.51
C LEU A 395 -11.44 17.57 -0.18
N PRO A 396 -10.61 17.97 0.80
CA PRO A 396 -10.59 17.25 2.08
C PRO A 396 -11.89 17.32 2.84
N GLU A 397 -12.76 18.30 2.56
CA GLU A 397 -14.01 18.42 3.30
C GLU A 397 -14.94 17.23 3.07
N ARG A 398 -14.67 16.39 2.05
CA ARG A 398 -15.41 15.14 1.92
C ARG A 398 -15.32 14.31 3.19
N PHE A 399 -14.21 14.42 3.93
CA PHE A 399 -13.98 13.65 5.13
C PHE A 399 -14.19 14.47 6.40
N SER A 400 -14.94 15.56 6.31
CA SER A 400 -15.32 16.30 7.51
C SER A 400 -16.31 15.48 8.33
N LYS A 401 -16.37 15.76 9.63
CA LYS A 401 -17.28 15.03 10.52
C LYS A 401 -18.72 15.10 10.04
N LYS A 402 -19.08 16.16 9.30
CA LYS A 402 -20.41 16.22 8.71
C LYS A 402 -20.53 15.25 7.53
N ASN A 403 -19.62 15.35 6.56
CA ASN A 403 -19.76 14.66 5.30
C ASN A 403 -19.19 13.24 5.29
N LYS A 404 -18.45 12.85 6.34
CA LYS A 404 -17.81 11.53 6.32
C LYS A 404 -18.82 10.39 6.45
N ASP A 405 -19.96 10.65 7.08
CA ASP A 405 -20.96 9.60 7.29
C ASP A 405 -21.56 9.10 5.99
N ASN A 406 -21.45 9.88 4.91
CA ASN A 406 -22.02 9.51 3.63
C ASN A 406 -21.09 8.65 2.78
N ILE A 407 -19.88 8.38 3.23
CA ILE A 407 -18.90 7.61 2.47
C ILE A 407 -19.07 6.13 2.80
N ASP A 408 -19.23 5.32 1.76
CA ASP A 408 -19.42 3.89 1.94
C ASP A 408 -18.07 3.21 2.18
N PRO A 409 -17.92 2.43 3.25
CA PRO A 409 -16.63 1.78 3.52
C PRO A 409 -16.25 0.71 2.50
N TYR A 410 -17.16 0.32 1.62
CA TYR A 410 -16.87 -0.64 0.57
C TYR A 410 -16.71 0.02 -0.79
N ILE A 411 -16.85 1.33 -0.86
CA ILE A 411 -16.46 2.11 -2.03
C ILE A 411 -15.09 2.74 -1.82
N TYR A 412 -14.87 3.35 -0.67
CA TYR A 412 -13.58 3.92 -0.27
C TYR A 412 -12.80 2.83 0.46
N THR A 413 -11.85 2.21 -0.23
CA THR A 413 -11.11 1.07 0.30
C THR A 413 -9.61 1.21 0.07
N PRO A 414 -8.99 2.29 0.57
CA PRO A 414 -7.54 2.45 0.34
C PRO A 414 -6.69 1.41 1.05
N PHE A 415 -7.19 0.80 2.12
CA PHE A 415 -6.46 -0.23 2.86
C PHE A 415 -7.19 -1.57 2.81
N GLY A 416 -7.98 -1.78 1.75
CA GLY A 416 -8.79 -2.97 1.67
C GLY A 416 -9.90 -2.96 2.72
N SER A 417 -10.46 -4.15 2.94
CA SER A 417 -11.54 -4.31 3.89
C SER A 417 -11.67 -5.78 4.24
N GLY A 418 -12.27 -6.05 5.40
CA GLY A 418 -12.49 -7.40 5.86
C GLY A 418 -11.31 -7.96 6.60
N PRO A 419 -11.33 -9.28 6.86
CA PRO A 419 -10.28 -9.88 7.69
C PRO A 419 -8.90 -9.87 7.06
N ARG A 420 -8.77 -9.69 5.75
CA ARG A 420 -7.46 -9.65 5.10
C ARG A 420 -7.16 -8.26 4.54
N ASN A 421 -7.45 -7.22 5.31
CA ASN A 421 -7.10 -5.87 4.92
C ASN A 421 -5.65 -5.56 5.30
N CYS A 422 -5.23 -4.32 5.08
CA CYS A 422 -3.88 -3.91 5.47
C CYS A 422 -3.73 -3.97 6.99
N ILE A 423 -2.96 -4.96 7.46
CA ILE A 423 -2.78 -5.12 8.90
C ILE A 423 -1.91 -4.02 9.49
N GLY A 424 -1.12 -3.34 8.67
CA GLY A 424 -0.29 -2.25 9.16
C GLY A 424 -0.92 -0.89 8.89
N MET A 425 -2.25 -0.85 8.82
CA MET A 425 -2.94 0.36 8.42
C MET A 425 -2.75 1.47 9.46
N ARG A 426 -3.05 1.17 10.72
CA ARG A 426 -2.89 2.17 11.77
C ARG A 426 -1.46 2.70 11.82
N PHE A 427 -0.46 1.82 11.66
CA PHE A 427 0.93 2.26 11.68
C PHE A 427 1.23 3.18 10.50
N ALA A 428 0.77 2.80 9.30
CA ALA A 428 1.04 3.59 8.11
C ALA A 428 0.49 5.00 8.25
N LEU A 429 -0.74 5.13 8.74
CA LEU A 429 -1.32 6.45 8.93
C LEU A 429 -0.55 7.26 9.96
N MET A 430 -0.18 6.62 11.08
CA MET A 430 0.62 7.29 12.09
C MET A 430 1.96 7.71 11.54
N ASN A 431 2.63 6.83 10.80
CA ASN A 431 3.96 7.11 10.29
C ASN A 431 3.93 8.30 9.32
N MET A 432 2.91 8.36 8.46
CA MET A 432 2.80 9.47 7.52
C MET A 432 2.44 10.77 8.24
N LYS A 433 1.45 10.69 9.14
CA LYS A 433 1.04 11.88 9.89
C LYS A 433 2.19 12.45 10.70
N LEU A 434 3.01 11.57 11.30
CA LEU A 434 4.16 12.05 12.07
C LEU A 434 5.17 12.74 11.18
N ALA A 435 5.37 12.22 9.96
CA ALA A 435 6.28 12.88 9.03
C ALA A 435 5.70 14.22 8.56
N LEU A 436 4.40 14.27 8.30
CA LEU A 436 3.78 15.50 7.81
C LEU A 436 3.82 16.60 8.86
N ILE A 437 3.57 16.25 10.13
CA ILE A 437 3.61 17.24 11.20
C ILE A 437 5.01 17.84 11.31
N ARG A 438 6.02 16.99 11.36
CA ARG A 438 7.40 17.46 11.53
C ARG A 438 7.87 18.26 10.32
N VAL A 439 7.33 17.97 9.13
CA VAL A 439 7.74 18.68 7.93
C VAL A 439 7.02 20.01 7.81
N LEU A 440 5.72 20.04 8.09
CA LEU A 440 4.96 21.28 7.96
C LEU A 440 5.24 22.25 9.10
N GLN A 441 5.72 21.76 10.25
CA GLN A 441 6.11 22.65 11.33
C GLN A 441 7.31 23.51 10.97
N ASN A 442 8.14 23.07 10.04
CA ASN A 442 9.37 23.76 9.69
C ASN A 442 9.35 24.39 8.31
N PHE A 443 8.62 23.81 7.36
CA PHE A 443 8.72 24.22 5.96
C PHE A 443 7.35 24.48 5.36
N SER A 444 7.31 25.40 4.42
CA SER A 444 6.22 25.56 3.48
C SER A 444 6.67 25.07 2.11
N PHE A 445 5.71 24.65 1.30
CA PHE A 445 6.01 23.99 0.03
C PHE A 445 5.28 24.68 -1.10
N LYS A 446 6.04 25.07 -2.13
CA LYS A 446 5.50 25.75 -3.29
C LYS A 446 5.99 25.05 -4.55
N PRO A 447 5.19 25.06 -5.62
CA PRO A 447 5.65 24.47 -6.88
C PRO A 447 6.68 25.35 -7.56
N CYS A 448 7.59 24.70 -8.26
CA CYS A 448 8.56 25.37 -9.13
C CYS A 448 8.19 25.12 -10.58
N LYS A 449 8.94 25.74 -11.50
CA LYS A 449 8.57 25.70 -12.90
C LYS A 449 8.71 24.30 -13.52
N GLU A 450 9.30 23.34 -12.81
CA GLU A 450 9.42 21.99 -13.31
C GLU A 450 8.46 21.01 -12.63
N THR A 451 7.62 21.47 -11.70
CA THR A 451 6.63 20.61 -11.09
C THR A 451 5.60 20.16 -12.13
N GLN A 452 5.38 18.85 -12.21
CA GLN A 452 4.43 18.31 -13.17
C GLN A 452 3.02 18.71 -12.77
N ILE A 453 2.52 19.79 -13.37
CA ILE A 453 1.15 20.25 -13.12
C ILE A 453 0.41 20.28 -14.45
N PRO A 454 -0.61 19.45 -14.65
CA PRO A 454 -1.16 18.46 -13.70
C PRO A 454 -0.31 17.21 -13.57
N LEU A 455 -0.21 16.67 -12.36
CA LEU A 455 0.53 15.43 -12.15
C LEU A 455 -0.10 14.29 -12.95
N LYS A 456 0.74 13.41 -13.48
CA LYS A 456 0.30 12.25 -14.23
C LYS A 456 0.79 10.98 -13.55
N LEU A 457 0.05 9.89 -13.75
CA LEU A 457 0.32 8.64 -13.05
C LEU A 457 1.16 7.71 -13.92
N SER A 458 2.08 7.00 -13.28
CA SER A 458 2.89 6.01 -13.97
C SER A 458 2.11 4.71 -14.15
N LEU A 459 2.49 3.94 -15.18
CA LEU A 459 1.71 2.80 -15.65
C LEU A 459 2.12 1.49 -14.99
N GLY A 460 2.61 1.52 -13.75
CA GLY A 460 3.23 0.36 -13.12
C GLY A 460 2.32 -0.35 -12.12
N GLY A 461 2.93 -1.29 -11.41
CA GLY A 461 2.20 -2.14 -10.47
C GLY A 461 1.82 -1.45 -9.18
N LEU A 462 2.45 -0.32 -8.87
CA LEU A 462 2.02 0.57 -7.80
C LEU A 462 1.72 1.93 -8.38
N LEU A 463 0.66 2.56 -7.88
CA LEU A 463 0.31 3.91 -8.30
C LEU A 463 1.39 4.87 -7.82
N GLN A 464 2.05 5.54 -8.76
CA GLN A 464 3.12 6.46 -8.43
CA GLN A 464 3.14 6.45 -8.45
C GLN A 464 3.11 7.60 -9.44
N PRO A 465 3.61 8.77 -9.06
CA PRO A 465 3.69 9.89 -10.02
C PRO A 465 4.57 9.50 -11.20
N GLU A 466 4.09 9.79 -12.40
CA GLU A 466 4.87 9.55 -13.61
C GLU A 466 6.25 10.18 -13.47
N LYS A 467 6.30 11.50 -13.46
CA LYS A 467 7.59 12.11 -13.12
C LYS A 467 7.64 12.43 -11.64
N PRO A 468 8.82 12.34 -11.03
CA PRO A 468 8.94 12.60 -9.59
C PRO A 468 8.49 14.01 -9.25
N VAL A 469 7.94 14.15 -8.05
CA VAL A 469 7.43 15.44 -7.58
C VAL A 469 8.61 16.32 -7.18
N VAL A 470 8.75 17.45 -7.85
CA VAL A 470 9.79 18.43 -7.56
C VAL A 470 9.11 19.69 -7.05
N LEU A 471 9.55 20.18 -5.90
CA LEU A 471 8.89 21.30 -5.24
C LEU A 471 9.93 22.19 -4.57
N LYS A 472 9.54 23.45 -4.35
CA LYS A 472 10.34 24.40 -3.60
C LYS A 472 9.99 24.28 -2.11
N VAL A 473 11.01 24.36 -1.27
CA VAL A 473 10.86 24.11 0.16
C VAL A 473 11.42 25.33 0.90
N GLU A 474 10.53 26.21 1.34
CA GLU A 474 10.92 27.38 2.12
C GLU A 474 10.86 27.05 3.61
N SER A 475 11.72 27.69 4.37
CA SER A 475 11.85 27.43 5.81
C SER A 475 11.03 28.46 6.59
N ARG A 476 10.11 27.99 7.42
CA ARG A 476 9.29 28.88 8.24
C ARG A 476 10.10 29.47 9.39
CHA HEM B . -2.06 -5.42 2.65
CHB HEM B . -2.39 -0.75 1.35
CHC HEM B . 1.25 0.33 4.37
CHD HEM B . 1.43 -4.29 5.85
C1A HEM B . -2.49 -4.25 2.05
C2A HEM B . -3.62 -4.12 1.16
C3A HEM B . -3.71 -2.83 0.80
C4A HEM B . -2.63 -2.10 1.46
CMA HEM B . -4.75 -2.21 -0.14
CAA HEM B . -4.56 -5.25 0.69
CBA HEM B . -5.83 -5.19 1.52
CGA HEM B . -6.86 -6.15 0.99
O1A HEM B . -8.00 -6.15 1.52
O2A HEM B . -6.54 -6.91 0.04
C1B HEM B . -1.44 -0.04 2.07
C2B HEM B . -1.24 1.39 2.01
C3B HEM B . -0.22 1.69 2.85
C4B HEM B . 0.23 0.45 3.45
CMB HEM B . -2.08 2.34 1.13
CAB HEM B . 0.42 3.06 3.20
CBB HEM B . -0.01 4.25 2.76
C1C HEM B . 1.60 -0.82 5.06
C2C HEM B . 2.57 -0.89 6.12
C3C HEM B . 2.63 -2.16 6.56
C4C HEM B . 1.69 -2.95 5.76
CMC HEM B . 3.40 0.29 6.69
CAC HEM B . 3.58 -2.61 7.69
CBC HEM B . 3.58 -3.86 8.17
C1D HEM B . 0.54 -5.02 5.07
C2D HEM B . 0.38 -6.46 5.05
C3D HEM B . -0.57 -6.76 4.17
C4D HEM B . -1.06 -5.53 3.60
CMD HEM B . 1.18 -7.46 5.91
CAD HEM B . -1.08 -8.18 3.84
CBD HEM B . -2.18 -8.53 4.84
CGD HEM B . -2.67 -9.93 4.63
O1D HEM B . -3.25 -10.52 5.58
O2D HEM B . -2.47 -10.48 3.51
NA HEM B . -1.91 -3.00 2.21
NB HEM B . -0.54 -0.58 2.95
NC HEM B . 1.08 -2.09 4.86
ND HEM B . -0.37 -4.48 4.17
FE HEM B . -0.56 -2.51 3.70
C1 GOL C . -1.68 4.29 -14.10
O1 GOL C . -1.12 4.75 -12.87
C2 GOL C . -1.73 2.78 -14.15
O2 GOL C . -3.08 2.34 -14.03
C3 GOL C . -0.87 2.09 -13.12
O3 GOL C . -1.19 0.70 -13.02
C01 A1CIW D . 0.13 -3.91 -4.51
C02 A1CIW D . 1.11 -4.42 -5.36
C03 A1CIW D . 2.39 -4.68 -4.86
C04 A1CIW D . 2.68 -4.43 -3.51
C05 A1CIW D . 1.70 -3.93 -2.66
C06 A1CIW D . 0.40 -3.66 -3.16
C07 A1CIW D . 1.64 -3.63 -1.14
C08 A1CIW D . 0.17 -3.35 -0.85
C10 A1CIW D . 3.51 -5.25 -5.78
C11 A1CIW D . 3.28 -6.61 -6.47
C13 A1CIW D . 2.16 -9.78 -5.16
C14 A1CIW D . 1.60 -8.83 -4.08
C15 A1CIW D . 2.25 -7.52 -4.48
C16 A1CIW D . 2.57 -8.87 -6.33
C17 A1CIW D . 1.63 -9.15 -2.58
C18 A1CIW D . 3.11 -8.92 -2.16
C19 A1CIW D . 1.18 -10.60 -2.33
C20 A1CIW D . 0.59 -8.19 -1.94
C21 A1CIW D . 3.53 -7.77 -1.47
C22 A1CIW D . 4.88 -7.60 -1.13
C23 A1CIW D . 5.83 -8.57 -1.49
C24 A1CIW D . 5.42 -9.71 -2.18
C25 A1CIW D . 4.07 -9.87 -2.51
C28 A1CIW D . -0.38 -7.62 -2.78
C29 A1CIW D . -1.36 -6.75 -2.28
C30 A1CIW D . -1.39 -6.46 -0.91
C31 A1CIW D . -0.44 -7.04 -0.06
C32 A1CIW D . 0.54 -7.91 -0.56
N12 A1CIW D . 2.22 -7.49 -5.93
N26 A1CIW D . 1.64 -11.32 -1.14
O09 A1CIW D . -0.54 -3.46 -2.09
O27 A1CIW D . 0.43 -11.14 -3.10
#